data_3H49
#
_entry.id   3H49
#
_cell.length_a   48.088
_cell.length_b   73.718
_cell.length_c   82.153
_cell.angle_alpha   90.00
_cell.angle_beta   96.49
_cell.angle_gamma   90.00
#
_symmetry.space_group_name_H-M   'P 1 21 1'
#
loop_
_entity.id
_entity.type
_entity.pdbx_description
1 polymer Ribokinase
2 water water
#
_entity_poly.entity_id   1
_entity_poly.type   'polypeptide(L)'
_entity_poly.pdbx_seq_one_letter_code
;(MSE)SLDNLDVICIGAAIVDIPLQPVSKNIFDVDSYPLERIA(MSE)TTGGDAINEATIISRLGHRTAL(MSE)SRIGK
DAAGQFILDHCRKENIDIQSLKQDVSIDTSINVGLVTEDGERTFVTNRNGSLWKLNIDDVDFARFSQAKLLSLASIFNSP
LLDGKALTEIFTQAKARQ(MSE)IICAD(MSE)IKPRLNETLDDICEALSYVDYLFPNFAEAKLLTGKETLDEIADCFLA
CGVKTVVIKTGKDGCFIKRGD(MSE)T(MSE)KVPAVAGITAIDTIGAGDNFASGFIAALLEGKNLRECARFANATAAIS
VLSVGATTGVKNRKLVEQLLEEYEGEGHHHHHH
;
_entity_poly.pdbx_strand_id   A,B
#
# COMPACT_ATOMS: atom_id res chain seq x y z
N ASN A 5 32.73 0.92 8.26
CA ASN A 5 31.62 -0.07 8.20
C ASN A 5 30.99 -0.40 9.55
N LEU A 6 31.76 -0.46 10.63
CA LEU A 6 31.12 -0.77 11.91
C LEU A 6 30.30 0.44 12.34
N ASP A 7 28.98 0.30 12.28
CA ASP A 7 28.07 1.39 12.66
C ASP A 7 27.61 1.31 14.11
N VAL A 8 27.26 0.11 14.56
CA VAL A 8 26.72 -0.07 15.89
C VAL A 8 27.39 -1.11 16.78
N ILE A 9 27.42 -0.82 18.08
CA ILE A 9 27.93 -1.74 19.08
C ILE A 9 26.71 -2.00 19.98
N CYS A 10 26.28 -3.26 20.07
CA CYS A 10 25.15 -3.64 20.90
C CYS A 10 25.65 -4.37 22.13
N ILE A 11 25.34 -3.84 23.31
CA ILE A 11 25.77 -4.47 24.55
C ILE A 11 24.55 -5.12 25.20
N GLY A 12 24.66 -6.41 25.48
CA GLY A 12 23.55 -7.10 26.11
C GLY A 12 23.75 -8.61 26.14
N ALA A 13 22.91 -9.30 26.89
CA ALA A 13 23.03 -10.75 27.02
C ALA A 13 22.44 -11.48 25.83
N ALA A 14 23.23 -12.36 25.23
CA ALA A 14 22.77 -13.18 24.12
C ALA A 14 22.41 -14.50 24.78
N ILE A 15 21.19 -14.98 24.58
CA ILE A 15 20.79 -16.23 25.21
C ILE A 15 20.09 -17.19 24.25
N VAL A 16 19.65 -18.33 24.76
CA VAL A 16 18.94 -19.31 23.94
C VAL A 16 17.58 -19.57 24.59
N ASP A 17 16.53 -19.57 23.78
CA ASP A 17 15.17 -19.81 24.25
C ASP A 17 14.68 -21.19 23.82
N ILE A 18 13.87 -21.81 24.68
CA ILE A 18 13.28 -23.11 24.39
C ILE A 18 11.83 -23.00 24.82
N PRO A 19 10.94 -22.67 23.89
CA PRO A 19 9.53 -22.56 24.26
C PRO A 19 8.79 -23.89 24.30
N LEU A 20 8.07 -24.14 25.39
CA LEU A 20 7.28 -25.36 25.51
C LEU A 20 5.83 -24.89 25.39
N GLN A 21 5.16 -25.30 24.31
CA GLN A 21 3.79 -24.87 24.08
C GLN A 21 2.96 -25.88 23.27
N PRO A 22 1.69 -26.09 23.67
CA PRO A 22 1.05 -25.40 24.79
C PRO A 22 1.15 -26.30 26.03
N VAL A 23 1.41 -25.70 27.19
CA VAL A 23 1.50 -26.48 28.42
C VAL A 23 0.72 -25.85 29.56
N SER A 24 0.55 -26.63 30.63
CA SER A 24 -0.16 -26.18 31.81
C SER A 24 0.34 -27.05 32.95
N LYS A 25 -0.13 -26.76 34.17
CA LYS A 25 0.27 -27.52 35.33
C LYS A 25 0.03 -29.03 35.15
N ASN A 26 -0.91 -29.38 34.27
CA ASN A 26 -1.21 -30.79 34.04
C ASN A 26 -0.03 -31.62 33.53
N ILE A 27 1.02 -31.00 33.02
CA ILE A 27 2.15 -31.77 32.53
C ILE A 27 2.80 -32.55 33.67
N PHE A 28 2.61 -32.09 34.91
CA PHE A 28 3.18 -32.76 36.08
C PHE A 28 2.39 -33.99 36.50
N ASP A 29 1.21 -34.16 35.92
CA ASP A 29 0.34 -35.29 36.27
C ASP A 29 0.62 -36.59 35.53
N VAL A 30 1.53 -36.58 34.55
CA VAL A 30 1.86 -37.81 33.82
C VAL A 30 3.37 -38.00 33.81
N ASP A 31 3.82 -39.22 33.54
CA ASP A 31 5.25 -39.51 33.52
C ASP A 31 5.95 -38.89 32.30
N SER A 32 5.26 -38.82 31.17
CA SER A 32 5.83 -38.25 29.95
C SER A 32 4.76 -37.50 29.16
N TYR A 33 5.02 -36.22 28.93
CA TYR A 33 4.08 -35.35 28.23
C TYR A 33 4.62 -34.96 26.85
N PRO A 34 3.95 -35.40 25.78
CA PRO A 34 4.43 -35.06 24.44
C PRO A 34 3.92 -33.74 23.84
N LEU A 35 4.83 -33.03 23.19
CA LEU A 35 4.53 -31.77 22.51
C LEU A 35 4.76 -32.02 21.02
N GLU A 36 4.21 -31.18 20.16
CA GLU A 36 4.39 -31.36 18.73
C GLU A 36 5.78 -30.94 18.28
N ARG A 37 6.46 -30.16 19.11
CA ARG A 37 7.80 -29.72 18.76
C ARG A 37 8.53 -29.08 19.93
N ILE A 38 9.84 -29.28 20.03
CA ILE A 38 10.65 -28.63 21.06
C ILE A 38 11.91 -28.21 20.33
N ALA A 39 12.12 -26.90 20.21
CA ALA A 39 13.28 -26.39 19.49
C ALA A 39 13.86 -25.17 20.18
N THR A 41 16.00 -21.47 19.95
CA THR A 41 16.28 -20.35 19.09
C THR A 41 17.14 -19.35 19.86
N THR A 42 17.93 -18.55 19.13
CA THR A 42 18.76 -17.55 19.79
C THR A 42 17.81 -16.45 20.23
N GLY A 43 18.07 -15.85 21.37
CA GLY A 43 17.19 -14.80 21.84
C GLY A 43 17.94 -13.73 22.62
N GLY A 44 17.19 -12.82 23.20
CA GLY A 44 17.80 -11.74 23.96
C GLY A 44 17.71 -10.47 23.14
N ASP A 45 17.40 -9.36 23.81
CA ASP A 45 17.27 -8.07 23.13
C ASP A 45 18.48 -7.71 22.29
N ALA A 46 19.67 -7.96 22.84
CA ALA A 46 20.92 -7.64 22.18
C ALA A 46 21.11 -8.39 20.87
N ILE A 47 20.91 -9.71 20.89
CA ILE A 47 21.06 -10.52 19.69
C ILE A 47 20.02 -10.11 18.65
N ASN A 48 18.80 -9.89 19.09
CA ASN A 48 17.74 -9.52 18.15
C ASN A 48 18.03 -8.20 17.47
N GLU A 49 18.46 -7.20 18.24
CA GLU A 49 18.78 -5.90 17.65
C GLU A 49 19.93 -6.05 16.67
N ALA A 50 21.01 -6.69 17.11
CA ALA A 50 22.17 -6.89 16.25
C ALA A 50 21.77 -7.56 14.94
N THR A 51 20.84 -8.51 15.04
CA THR A 51 20.39 -9.23 13.86
C THR A 51 19.59 -8.32 12.92
N ILE A 52 18.56 -7.68 13.45
CA ILE A 52 17.73 -6.81 12.63
C ILE A 52 18.48 -5.62 12.04
N ILE A 53 19.31 -4.96 12.84
CA ILE A 53 20.08 -3.80 12.37
C ILE A 53 21.00 -4.23 11.23
N SER A 54 21.63 -5.40 11.39
CA SER A 54 22.53 -5.91 10.36
C SER A 54 21.75 -6.11 9.06
N ARG A 55 20.58 -6.73 9.17
CA ARG A 55 19.74 -6.99 8.01
C ARG A 55 19.28 -5.71 7.34
N LEU A 56 19.12 -4.65 8.13
CA LEU A 56 18.71 -3.37 7.60
C LEU A 56 19.85 -2.64 6.88
N GLY A 57 21.04 -3.22 6.90
CA GLY A 57 22.16 -2.61 6.21
C GLY A 57 23.24 -1.94 7.04
N HIS A 58 23.26 -2.18 8.34
CA HIS A 58 24.27 -1.54 9.17
C HIS A 58 25.11 -2.54 9.98
N ARG A 59 26.41 -2.54 9.73
CA ARG A 59 27.34 -3.44 10.41
C ARG A 59 27.26 -3.24 11.91
N THR A 60 27.11 -4.34 12.64
CA THR A 60 26.98 -4.32 14.10
C THR A 60 27.90 -5.30 14.79
N ALA A 61 28.39 -4.90 15.96
CA ALA A 61 29.27 -5.74 16.76
C ALA A 61 28.51 -6.05 18.05
N LEU A 62 28.56 -7.30 18.49
CA LEU A 62 27.86 -7.68 19.71
C LEU A 62 28.84 -7.90 20.87
N SER A 64 28.93 -9.30 24.64
CA SER A 64 28.13 -10.06 25.57
C SER A 64 29.04 -11.06 26.27
N ARG A 65 28.41 -12.01 26.95
CA ARG A 65 29.15 -13.04 27.65
C ARG A 65 28.37 -14.32 27.46
N ILE A 66 29.04 -15.36 26.98
CA ILE A 66 28.40 -16.65 26.78
C ILE A 66 29.34 -17.73 27.30
N GLY A 67 28.82 -18.93 27.50
CA GLY A 67 29.66 -20.00 27.98
C GLY A 67 30.37 -20.69 26.82
N LYS A 68 31.35 -21.51 27.14
CA LYS A 68 32.11 -22.24 26.13
C LYS A 68 31.38 -23.57 25.98
N ASP A 69 30.14 -23.49 25.50
CA ASP A 69 29.30 -24.67 25.31
C ASP A 69 28.54 -24.63 23.98
N ALA A 70 27.73 -25.66 23.72
CA ALA A 70 26.95 -25.76 22.50
C ALA A 70 25.98 -24.59 22.30
N ALA A 71 25.36 -24.14 23.39
CA ALA A 71 24.42 -23.03 23.28
C ALA A 71 25.22 -21.80 22.82
N GLY A 72 26.40 -21.61 23.40
CA GLY A 72 27.24 -20.49 23.03
C GLY A 72 27.65 -20.55 21.57
N GLN A 73 27.98 -21.75 21.09
CA GLN A 73 28.39 -21.93 19.71
C GLN A 73 27.22 -21.64 18.77
N PHE A 74 26.02 -22.01 19.21
CA PHE A 74 24.80 -21.79 18.43
C PHE A 74 24.65 -20.28 18.23
N ILE A 75 24.92 -19.52 19.28
CA ILE A 75 24.83 -18.07 19.22
C ILE A 75 25.89 -17.51 18.28
N LEU A 76 27.11 -18.03 18.39
CA LEU A 76 28.19 -17.57 17.54
C LEU A 76 27.91 -17.89 16.08
N ASP A 77 27.33 -19.06 15.82
CA ASP A 77 27.01 -19.43 14.45
C ASP A 77 25.94 -18.50 13.89
N HIS A 78 24.97 -18.16 14.72
CA HIS A 78 23.91 -17.24 14.31
C HIS A 78 24.54 -15.92 13.89
N CYS A 79 25.41 -15.40 14.75
CA CYS A 79 26.09 -14.14 14.49
C CYS A 79 26.90 -14.21 13.20
N ARG A 80 27.62 -15.30 13.02
CA ARG A 80 28.44 -15.48 11.83
C ARG A 80 27.57 -15.42 10.57
N LYS A 81 26.40 -16.06 10.63
CA LYS A 81 25.48 -16.09 9.51
C LYS A 81 24.87 -14.72 9.21
N GLU A 82 24.67 -13.92 10.27
CA GLU A 82 24.09 -12.60 10.14
C GLU A 82 25.12 -11.50 9.93
N ASN A 83 26.39 -11.90 9.87
CA ASN A 83 27.49 -10.96 9.68
C ASN A 83 27.67 -10.03 10.89
N ILE A 84 27.30 -10.51 12.07
CA ILE A 84 27.46 -9.72 13.29
C ILE A 84 28.89 -9.92 13.78
N ASP A 85 29.60 -8.82 14.01
CA ASP A 85 30.97 -8.89 14.51
C ASP A 85 30.98 -9.47 15.92
N ILE A 86 31.79 -10.51 16.13
CA ILE A 86 31.88 -11.16 17.45
C ILE A 86 33.29 -11.18 18.03
N GLN A 87 34.16 -10.31 17.53
CA GLN A 87 35.53 -10.25 18.04
C GLN A 87 35.58 -9.93 19.52
N SER A 88 34.61 -9.14 19.99
CA SER A 88 34.58 -8.74 21.39
C SER A 88 33.84 -9.72 22.28
N LEU A 89 33.01 -10.56 21.68
CA LEU A 89 32.21 -11.55 22.43
C LEU A 89 33.05 -12.78 22.73
N LYS A 90 33.47 -12.92 23.98
CA LYS A 90 34.29 -14.07 24.36
C LYS A 90 33.48 -15.14 25.10
N GLN A 91 34.04 -16.35 25.17
CA GLN A 91 33.39 -17.46 25.85
C GLN A 91 34.04 -17.75 27.19
N ASP A 92 33.20 -18.00 28.18
CA ASP A 92 33.64 -18.25 29.55
C ASP A 92 33.37 -19.71 29.94
N VAL A 93 34.43 -20.48 30.20
CA VAL A 93 34.29 -21.89 30.55
C VAL A 93 33.71 -22.16 31.92
N SER A 94 33.69 -21.15 32.79
CA SER A 94 33.16 -21.30 34.13
C SER A 94 31.65 -21.08 34.22
N ILE A 95 31.01 -20.79 33.09
CA ILE A 95 29.57 -20.52 33.12
C ILE A 95 28.78 -21.26 32.04
N ASP A 96 27.48 -21.41 32.28
CA ASP A 96 26.59 -22.03 31.30
C ASP A 96 25.90 -20.89 30.59
N THR A 97 25.86 -20.94 29.26
CA THR A 97 25.16 -19.92 28.51
C THR A 97 23.71 -20.00 29.00
N SER A 98 23.07 -18.86 29.22
CA SER A 98 21.68 -18.84 29.69
C SER A 98 20.70 -19.49 28.72
N ILE A 99 19.94 -20.47 29.22
CA ILE A 99 18.92 -21.16 28.45
C ILE A 99 17.61 -20.84 29.17
N ASN A 100 16.75 -20.09 28.51
CA ASN A 100 15.45 -19.72 29.08
C ASN A 100 14.35 -20.65 28.60
N VAL A 101 13.69 -21.33 29.52
CA VAL A 101 12.62 -22.24 29.15
C VAL A 101 11.29 -21.51 29.30
N GLY A 102 10.57 -21.37 28.20
CA GLY A 102 9.30 -20.69 28.25
C GLY A 102 8.14 -21.67 28.41
N LEU A 103 7.24 -21.39 29.34
CA LEU A 103 6.07 -22.23 29.55
C LEU A 103 4.94 -21.41 28.96
N VAL A 104 4.49 -21.79 27.77
CA VAL A 104 3.43 -21.08 27.08
C VAL A 104 2.11 -21.81 27.25
N THR A 105 1.15 -21.15 27.89
CA THR A 105 -0.15 -21.77 28.11
C THR A 105 -1.05 -21.60 26.90
N GLU A 106 -2.19 -22.29 26.94
CA GLU A 106 -3.18 -22.27 25.88
C GLU A 106 -3.65 -20.85 25.56
N ASP A 107 -3.66 -19.97 26.56
CA ASP A 107 -4.09 -18.59 26.37
C ASP A 107 -3.07 -17.73 25.63
N GLY A 108 -1.89 -18.28 25.37
CA GLY A 108 -0.86 -17.52 24.67
C GLY A 108 0.13 -16.82 25.59
N GLU A 109 -0.25 -16.70 26.86
CA GLU A 109 0.62 -16.07 27.86
C GLU A 109 1.82 -16.98 28.05
N ARG A 110 2.70 -16.65 29.00
CA ARG A 110 3.86 -17.47 29.28
C ARG A 110 4.70 -17.03 30.45
N THR A 111 5.25 -18.01 31.17
CA THR A 111 6.11 -17.79 32.32
C THR A 111 7.47 -18.39 31.96
N PHE A 112 8.50 -18.10 32.76
CA PHE A 112 9.83 -18.61 32.44
C PHE A 112 10.55 -19.31 33.57
N VAL A 113 11.36 -20.30 33.19
CA VAL A 113 12.20 -21.03 34.12
C VAL A 113 13.58 -20.60 33.64
N THR A 114 14.38 -20.01 34.53
CA THR A 114 15.68 -19.51 34.13
C THR A 114 16.82 -19.94 35.03
N ASN A 115 18.04 -19.71 34.55
CA ASN A 115 19.25 -20.07 35.27
C ASN A 115 19.80 -18.82 35.96
N ARG A 116 19.63 -18.76 37.28
CA ARG A 116 20.10 -17.60 38.06
C ARG A 116 21.61 -17.40 37.98
N ASN A 117 22.33 -18.44 37.60
CA ASN A 117 23.79 -18.36 37.48
C ASN A 117 24.21 -18.35 36.01
N GLY A 118 23.23 -18.17 35.13
CA GLY A 118 23.49 -18.14 33.69
C GLY A 118 24.26 -16.93 33.21
N SER A 119 24.77 -17.02 31.99
CA SER A 119 25.54 -15.96 31.37
C SER A 119 24.88 -14.59 31.43
N LEU A 120 23.56 -14.54 31.28
CA LEU A 120 22.84 -13.26 31.32
C LEU A 120 23.08 -12.52 32.65
N TRP A 121 23.12 -13.26 33.75
CA TRP A 121 23.33 -12.65 35.06
C TRP A 121 24.79 -12.32 35.36
N LYS A 122 25.71 -12.95 34.64
CA LYS A 122 27.14 -12.73 34.85
C LYS A 122 27.72 -11.60 34.01
N LEU A 123 26.98 -11.19 32.98
CA LEU A 123 27.44 -10.12 32.12
C LEU A 123 27.77 -8.89 32.96
N ASN A 124 28.97 -8.34 32.78
CA ASN A 124 29.35 -7.16 33.55
C ASN A 124 30.27 -6.26 32.77
N ILE A 125 30.75 -5.19 33.40
CA ILE A 125 31.59 -4.24 32.70
C ILE A 125 32.86 -4.84 32.10
N ASP A 126 33.32 -5.95 32.67
CA ASP A 126 34.51 -6.60 32.13
C ASP A 126 34.28 -7.04 30.69
N ASP A 127 33.02 -7.24 30.32
CA ASP A 127 32.68 -7.69 28.97
C ASP A 127 32.55 -6.57 27.95
N VAL A 128 32.80 -5.35 28.39
CA VAL A 128 32.72 -4.21 27.49
C VAL A 128 34.12 -3.85 27.00
N ASP A 129 34.33 -3.95 25.69
CA ASP A 129 35.62 -3.62 25.11
C ASP A 129 35.63 -2.14 24.74
N PHE A 130 36.00 -1.30 25.70
CA PHE A 130 36.05 0.14 25.50
C PHE A 130 37.00 0.58 24.38
N ALA A 131 38.05 -0.20 24.14
CA ALA A 131 39.02 0.14 23.11
C ALA A 131 38.41 0.19 21.73
N ARG A 132 37.27 -0.49 21.56
CA ARG A 132 36.61 -0.54 20.27
C ARG A 132 35.52 0.51 20.05
N PHE A 133 35.26 1.31 21.06
CA PHE A 133 34.23 2.34 20.97
C PHE A 133 34.50 3.35 19.85
N SER A 134 35.77 3.63 19.58
CA SER A 134 36.12 4.59 18.54
C SER A 134 35.81 4.06 17.14
N GLN A 135 35.53 2.76 17.05
CA GLN A 135 35.23 2.12 15.78
C GLN A 135 33.78 2.23 15.31
N ALA A 136 32.87 2.62 16.21
CA ALA A 136 31.46 2.73 15.83
C ALA A 136 30.86 4.12 16.02
N LYS A 137 29.66 4.32 15.47
CA LYS A 137 28.97 5.60 15.56
C LYS A 137 27.87 5.64 16.61
N LEU A 138 27.34 4.46 16.94
CA LEU A 138 26.23 4.38 17.88
C LEU A 138 26.32 3.18 18.82
N LEU A 139 25.95 3.41 20.07
CA LEU A 139 25.96 2.38 21.09
C LEU A 139 24.51 2.11 21.50
N SER A 140 24.16 0.83 21.55
CA SER A 140 22.82 0.44 21.96
C SER A 140 22.98 -0.42 23.18
N LEU A 141 22.50 0.06 24.33
CA LEU A 141 22.59 -0.76 25.51
C LEU A 141 21.34 -1.60 25.41
N ALA A 142 21.45 -2.85 24.96
CA ALA A 142 20.24 -3.63 24.85
C ALA A 142 19.79 -4.25 26.21
N SER A 143 19.03 -3.38 26.90
CA SER A 143 18.28 -3.52 28.14
C SER A 143 18.89 -3.30 29.51
N ILE A 144 18.68 -2.05 29.93
CA ILE A 144 19.09 -1.55 31.19
C ILE A 144 18.25 -2.44 32.07
N PHE A 145 18.82 -3.02 33.12
CA PHE A 145 18.16 -3.94 34.07
C PHE A 145 18.22 -5.41 33.67
N ASN A 146 18.44 -5.70 32.39
CA ASN A 146 18.50 -7.09 31.98
C ASN A 146 19.61 -7.86 32.68
N SER A 147 20.81 -7.30 32.71
CA SER A 147 21.95 -7.92 33.39
C SER A 147 22.20 -7.04 34.60
N PRO A 148 21.73 -7.47 35.78
CA PRO A 148 21.89 -6.70 37.03
C PRO A 148 23.28 -6.14 37.36
N LEU A 149 24.34 -6.81 36.91
CA LEU A 149 25.68 -6.31 37.21
C LEU A 149 26.00 -5.01 36.49
N LEU A 150 25.30 -4.74 35.39
CA LEU A 150 25.50 -3.48 34.68
C LEU A 150 24.55 -2.52 35.37
N ASP A 151 24.92 -2.09 36.57
CA ASP A 151 24.10 -1.20 37.36
C ASP A 151 24.34 0.27 36.97
N GLY A 152 23.72 1.18 37.71
CA GLY A 152 23.85 2.60 37.44
C GLY A 152 25.28 3.06 37.28
N LYS A 153 26.13 2.66 38.24
CA LYS A 153 27.53 3.04 38.23
C LYS A 153 28.30 2.50 37.02
N ALA A 154 28.02 1.26 36.64
CA ALA A 154 28.68 0.65 35.50
C ALA A 154 28.19 1.34 34.22
N LEU A 155 26.87 1.55 34.14
CA LEU A 155 26.27 2.20 32.97
C LEU A 155 26.82 3.61 32.80
N THR A 156 27.03 4.32 33.91
CA THR A 156 27.58 5.66 33.84
C THR A 156 28.98 5.60 33.24
N GLU A 157 29.80 4.68 33.71
CA GLU A 157 31.15 4.54 33.19
C GLU A 157 31.11 4.18 31.71
N ILE A 158 30.24 3.24 31.35
CA ILE A 158 30.14 2.84 29.94
C ILE A 158 29.73 4.00 29.06
N PHE A 159 28.72 4.75 29.49
CA PHE A 159 28.24 5.89 28.73
C PHE A 159 29.25 7.04 28.68
N THR A 160 30.04 7.20 29.74
CA THR A 160 31.06 8.24 29.78
C THR A 160 32.10 7.95 28.69
N GLN A 161 32.44 6.67 28.55
CA GLN A 161 33.41 6.25 27.54
C GLN A 161 32.83 6.47 26.14
N ALA A 162 31.54 6.16 26.00
CA ALA A 162 30.86 6.29 24.71
C ALA A 162 30.80 7.76 24.26
N LYS A 163 30.41 8.65 25.18
CA LYS A 163 30.33 10.06 24.83
C LYS A 163 31.69 10.69 24.59
N ALA A 164 32.73 10.14 25.20
CA ALA A 164 34.07 10.68 24.99
C ALA A 164 34.47 10.44 23.54
N ARG A 165 33.80 9.48 22.91
CA ARG A 165 34.07 9.16 21.52
C ARG A 165 32.96 9.62 20.59
N GLN A 166 32.13 10.53 21.09
CA GLN A 166 31.04 11.12 20.31
C GLN A 166 29.96 10.17 19.79
N ILE A 168 26.44 8.06 19.57
CA ILE A 168 25.05 8.34 19.88
C ILE A 168 24.72 7.21 20.84
N ILE A 169 24.03 7.49 21.94
CA ILE A 169 23.70 6.44 22.89
C ILE A 169 22.22 6.12 22.94
N CYS A 170 21.88 4.87 22.64
CA CYS A 170 20.49 4.43 22.65
C CYS A 170 20.35 3.36 23.72
N ALA A 171 19.19 3.30 24.36
CA ALA A 171 18.98 2.31 25.40
C ALA A 171 17.53 1.87 25.50
N ASP A 172 17.35 0.56 25.70
CA ASP A 172 16.04 -0.05 25.86
C ASP A 172 15.98 -0.43 27.35
N ILE A 174 13.89 -3.09 30.58
CA ILE A 174 13.03 -4.23 30.94
C ILE A 174 12.64 -3.91 32.38
N LYS A 175 11.77 -4.72 32.97
CA LYS A 175 11.37 -4.49 34.36
C LYS A 175 12.52 -4.91 35.27
N PRO A 176 12.87 -4.06 36.26
CA PRO A 176 13.95 -4.36 37.18
C PRO A 176 13.83 -5.78 37.76
N ARG A 177 14.96 -6.47 37.87
CA ARG A 177 14.98 -7.84 38.39
C ARG A 177 15.21 -7.89 39.90
N LEU A 178 15.93 -6.90 40.42
CA LEU A 178 16.26 -6.86 41.84
C LEU A 178 15.76 -5.61 42.57
N ASN A 179 14.54 -5.18 42.25
CA ASN A 179 13.96 -4.01 42.89
C ASN A 179 14.75 -2.72 42.67
N GLU A 180 15.50 -2.65 41.57
CA GLU A 180 16.25 -1.44 41.28
C GLU A 180 15.24 -0.33 41.03
N THR A 181 15.66 0.91 41.23
CA THR A 181 14.75 2.04 41.02
C THR A 181 15.25 3.00 39.95
N LEU A 182 14.38 3.91 39.54
CA LEU A 182 14.73 4.90 38.52
C LEU A 182 15.86 5.79 39.05
N ASP A 183 15.84 6.03 40.36
CA ASP A 183 16.86 6.86 41.00
C ASP A 183 18.24 6.22 40.92
N ASP A 184 18.28 4.90 40.86
CA ASP A 184 19.55 4.19 40.79
C ASP A 184 20.21 4.32 39.42
N ILE A 185 19.43 4.61 38.40
CA ILE A 185 19.97 4.76 37.05
C ILE A 185 19.80 6.17 36.50
N CYS A 186 19.26 7.07 37.32
CA CYS A 186 19.03 8.45 36.91
C CYS A 186 20.30 9.09 36.34
N GLU A 187 21.42 8.91 37.03
CA GLU A 187 22.68 9.51 36.56
C GLU A 187 23.12 8.97 35.21
N ALA A 188 23.05 7.66 35.04
CA ALA A 188 23.45 7.05 33.78
C ALA A 188 22.53 7.52 32.67
N LEU A 189 21.25 7.67 32.98
CA LEU A 189 20.28 8.10 31.97
C LEU A 189 20.56 9.49 31.41
N SER A 190 21.29 10.31 32.17
CA SER A 190 21.61 11.67 31.70
C SER A 190 22.51 11.63 30.48
N TYR A 191 23.08 10.46 30.19
CA TYR A 191 23.96 10.30 29.03
C TYR A 191 23.23 9.74 27.82
N VAL A 192 22.01 9.27 28.00
CA VAL A 192 21.25 8.66 26.91
C VAL A 192 20.64 9.65 25.92
N ASP A 193 20.84 9.40 24.64
CA ASP A 193 20.28 10.26 23.61
C ASP A 193 18.87 9.82 23.23
N TYR A 194 18.67 8.50 23.12
CA TYR A 194 17.37 7.96 22.76
C TYR A 194 17.03 6.81 23.69
N LEU A 195 15.95 6.96 24.44
CA LEU A 195 15.51 5.93 25.37
C LEU A 195 14.23 5.31 24.82
N PHE A 196 14.19 3.98 24.79
CA PHE A 196 13.03 3.26 24.26
C PHE A 196 12.33 2.46 25.34
N PRO A 197 11.65 3.14 26.28
CA PRO A 197 10.98 2.36 27.31
C PRO A 197 9.67 1.81 26.78
N ASN A 198 9.22 0.72 27.40
CA ASN A 198 7.97 0.09 27.04
C ASN A 198 6.92 0.74 27.94
N PHE A 199 5.78 1.08 27.35
CA PHE A 199 4.71 1.77 28.06
C PHE A 199 4.34 1.14 29.40
N ALA A 200 3.90 -0.11 29.38
CA ALA A 200 3.50 -0.82 30.59
C ALA A 200 4.57 -0.76 31.69
N GLU A 201 5.77 -1.24 31.37
CA GLU A 201 6.87 -1.24 32.33
C GLU A 201 7.24 0.16 32.81
N ALA A 202 7.28 1.11 31.88
CA ALA A 202 7.62 2.48 32.22
C ALA A 202 6.62 3.05 33.23
N LYS A 203 5.39 2.53 33.17
CA LYS A 203 4.33 2.96 34.07
C LYS A 203 4.67 2.51 35.49
N LEU A 204 5.14 1.28 35.64
CA LEU A 204 5.51 0.73 36.94
C LEU A 204 6.70 1.46 37.55
N LEU A 205 7.76 1.60 36.75
CA LEU A 205 8.98 2.24 37.21
C LEU A 205 8.77 3.69 37.67
N THR A 206 7.97 4.44 36.91
CA THR A 206 7.71 5.83 37.24
C THR A 206 6.52 5.99 38.17
N GLY A 207 5.53 5.11 38.02
CA GLY A 207 4.34 5.19 38.86
C GLY A 207 3.39 6.25 38.34
N LYS A 208 3.46 6.51 37.04
CA LYS A 208 2.61 7.51 36.41
C LYS A 208 1.72 6.84 35.36
N GLU A 209 0.55 7.44 35.10
CA GLU A 209 -0.39 6.88 34.15
C GLU A 209 -0.31 7.44 32.73
N THR A 210 -0.05 8.74 32.62
CA THR A 210 0.01 9.34 31.29
C THR A 210 1.40 9.32 30.65
N LEU A 211 1.43 9.04 29.36
CA LEU A 211 2.65 9.00 28.56
C LEU A 211 3.51 10.21 28.78
N ASP A 212 2.83 11.34 28.97
CA ASP A 212 3.46 12.63 29.19
C ASP A 212 4.31 12.73 30.45
N GLU A 213 3.71 12.47 31.61
CA GLU A 213 4.42 12.52 32.88
C GLU A 213 5.40 11.34 33.01
N ILE A 214 5.02 10.21 32.41
CA ILE A 214 5.87 9.04 32.41
C ILE A 214 7.17 9.42 31.69
N ALA A 215 7.03 10.14 30.57
CA ALA A 215 8.16 10.59 29.78
C ALA A 215 8.93 11.67 30.54
N ASP A 216 8.19 12.49 31.27
CA ASP A 216 8.80 13.56 32.05
C ASP A 216 9.79 13.02 33.07
N CYS A 217 9.45 11.89 33.69
CA CYS A 217 10.34 11.30 34.68
C CYS A 217 11.71 10.99 34.10
N PHE A 218 11.74 10.48 32.87
CA PHE A 218 13.01 10.15 32.23
C PHE A 218 13.72 11.42 31.76
N LEU A 219 12.96 12.38 31.24
CA LEU A 219 13.55 13.62 30.78
C LEU A 219 14.18 14.33 31.97
N ALA A 220 13.57 14.13 33.14
CA ALA A 220 14.04 14.72 34.37
C ALA A 220 15.45 14.24 34.73
N CYS A 221 15.82 13.04 34.28
CA CYS A 221 17.17 12.53 34.58
C CYS A 221 18.21 12.94 33.55
N GLY A 222 17.77 13.58 32.47
CA GLY A 222 18.71 14.02 31.46
C GLY A 222 18.60 13.33 30.11
N VAL A 223 17.67 12.39 29.99
CA VAL A 223 17.49 11.68 28.71
C VAL A 223 17.10 12.73 27.69
N LYS A 224 17.79 12.77 26.56
CA LYS A 224 17.52 13.75 25.52
C LYS A 224 16.16 13.51 24.85
N THR A 225 15.94 12.28 24.38
CA THR A 225 14.71 11.94 23.70
C THR A 225 14.10 10.63 24.21
N VAL A 226 12.83 10.70 24.61
CA VAL A 226 12.09 9.54 25.10
C VAL A 226 11.17 9.06 23.98
N VAL A 227 11.38 7.82 23.56
CA VAL A 227 10.58 7.23 22.49
C VAL A 227 9.80 6.06 23.07
N ILE A 228 8.51 6.29 23.34
CA ILE A 228 7.66 5.25 23.92
C ILE A 228 6.78 4.58 22.88
N LYS A 229 6.94 3.27 22.71
CA LYS A 229 6.12 2.52 21.75
C LYS A 229 4.77 2.27 22.39
N THR A 230 3.70 2.61 21.69
CA THR A 230 2.35 2.42 22.21
C THR A 230 1.50 1.45 21.38
N GLY A 231 1.90 0.19 21.35
CA GLY A 231 1.20 -0.84 20.59
C GLY A 231 -0.25 -0.54 20.22
N LYS A 232 -0.45 -0.12 18.97
CA LYS A 232 -1.76 0.21 18.40
C LYS A 232 -1.72 1.59 17.72
N ASP A 233 -1.26 2.60 18.44
CA ASP A 233 -1.18 3.95 17.90
C ASP A 233 0.25 4.44 17.62
N GLY A 234 1.11 3.52 17.17
CA GLY A 234 2.50 3.86 16.84
C GLY A 234 3.43 4.14 18.00
N CYS A 235 3.89 5.38 18.11
CA CYS A 235 4.79 5.75 19.19
C CYS A 235 4.60 7.18 19.65
N PHE A 236 4.98 7.42 20.90
CA PHE A 236 4.88 8.73 21.52
C PHE A 236 6.31 9.18 21.79
N ILE A 237 6.69 10.30 21.20
CA ILE A 237 8.04 10.81 21.39
C ILE A 237 7.98 12.11 22.17
N LYS A 238 8.85 12.23 23.16
CA LYS A 238 8.87 13.42 23.99
C LYS A 238 10.28 13.90 24.27
N ARG A 239 10.43 15.21 24.26
CA ARG A 239 11.69 15.87 24.54
C ARG A 239 11.30 17.00 25.48
N GLY A 240 12.28 17.74 25.98
CA GLY A 240 11.95 18.84 26.85
C GLY A 240 11.33 20.00 26.09
N ASP A 241 11.51 20.01 24.77
CA ASP A 241 10.97 21.09 23.95
C ASP A 241 9.95 20.67 22.89
N THR A 243 6.64 17.42 21.77
CA THR A 243 5.94 16.16 21.91
C THR A 243 5.48 15.79 20.50
N LYS A 245 3.65 12.56 18.01
CA LYS A 245 2.95 11.30 17.94
C LYS A 245 2.97 10.82 16.50
N VAL A 246 3.43 9.59 16.29
CA VAL A 246 3.50 9.01 14.95
C VAL A 246 2.71 7.70 15.00
N PRO A 247 1.45 7.71 14.53
CA PRO A 247 0.60 6.52 14.53
C PRO A 247 1.24 5.29 13.89
N ALA A 248 0.92 4.12 14.42
CA ALA A 248 1.45 2.87 13.91
C ALA A 248 0.89 2.71 12.51
N VAL A 249 1.54 1.90 11.69
CA VAL A 249 1.03 1.70 10.33
C VAL A 249 -0.27 0.91 10.46
N ALA A 250 -1.32 1.44 9.86
CA ALA A 250 -2.65 0.83 9.91
C ALA A 250 -2.78 -0.38 9.01
N GLY A 251 -3.66 -1.29 9.39
CA GLY A 251 -3.91 -2.48 8.59
C GLY A 251 -3.06 -3.68 8.94
N ILE A 252 -2.47 -3.69 10.13
CA ILE A 252 -1.64 -4.81 10.54
C ILE A 252 -2.26 -5.59 11.69
N THR A 253 -2.57 -6.86 11.45
CA THR A 253 -3.15 -7.72 12.50
C THR A 253 -1.99 -8.22 13.38
N ALA A 254 -1.10 -9.00 12.79
CA ALA A 254 0.08 -9.50 13.48
C ALA A 254 -0.15 -10.69 14.41
N ILE A 255 0.39 -11.84 14.03
CA ILE A 255 0.26 -13.08 14.80
C ILE A 255 0.97 -13.07 16.16
N ASP A 256 2.20 -12.58 16.20
CA ASP A 256 2.98 -12.56 17.44
C ASP A 256 3.69 -11.23 17.67
N THR A 257 3.87 -10.87 18.94
CA THR A 257 4.51 -9.60 19.29
C THR A 257 5.88 -9.70 19.95
N ILE A 258 6.35 -10.91 20.26
CA ILE A 258 7.66 -11.03 20.89
C ILE A 258 8.72 -10.47 19.95
N GLY A 259 9.57 -9.60 20.48
CA GLY A 259 10.61 -9.00 19.65
C GLY A 259 10.13 -7.72 18.97
N ALA A 260 8.85 -7.39 19.14
CA ALA A 260 8.31 -6.19 18.55
C ALA A 260 9.14 -4.97 18.95
N GLY A 261 9.40 -4.84 20.25
CA GLY A 261 10.19 -3.74 20.74
C GLY A 261 11.59 -3.74 20.18
N ASP A 262 12.16 -4.93 20.04
CA ASP A 262 13.51 -5.06 19.50
C ASP A 262 13.55 -4.60 18.04
N ASN A 263 12.56 -5.00 17.24
CA ASN A 263 12.55 -4.59 15.83
C ASN A 263 12.27 -3.09 15.73
N PHE A 264 11.45 -2.57 16.65
CA PHE A 264 11.14 -1.14 16.65
C PHE A 264 12.44 -0.35 16.82
N ALA A 265 13.19 -0.69 17.87
CA ALA A 265 14.44 -0.01 18.18
C ALA A 265 15.45 -0.15 17.05
N SER A 266 15.49 -1.33 16.44
CA SER A 266 16.42 -1.59 15.34
C SER A 266 16.11 -0.69 14.16
N GLY A 267 14.82 -0.52 13.88
CA GLY A 267 14.42 0.33 12.76
C GLY A 267 14.71 1.78 13.04
N PHE A 268 14.48 2.20 14.29
CA PHE A 268 14.73 3.57 14.67
C PHE A 268 16.22 3.87 14.53
N ILE A 269 17.05 2.92 14.99
CA ILE A 269 18.49 3.06 14.94
C ILE A 269 19.01 3.11 13.51
N ALA A 270 18.47 2.24 12.65
CA ALA A 270 18.89 2.22 11.27
C ALA A 270 18.60 3.58 10.65
N ALA A 271 17.42 4.14 10.97
CA ALA A 271 17.02 5.45 10.46
C ALA A 271 17.96 6.54 10.96
N LEU A 272 18.30 6.49 12.25
CA LEU A 272 19.20 7.48 12.84
C LEU A 272 20.54 7.52 12.10
N LEU A 273 21.12 6.34 11.88
CA LEU A 273 22.40 6.21 11.20
C LEU A 273 22.35 6.78 9.77
N GLU A 274 21.18 6.72 9.15
CA GLU A 274 21.01 7.22 7.79
C GLU A 274 20.72 8.73 7.78
N GLY A 275 20.69 9.33 8.96
CA GLY A 275 20.45 10.76 9.07
C GLY A 275 19.04 11.26 8.82
N LYS A 276 18.04 10.41 9.02
CA LYS A 276 16.65 10.82 8.80
C LYS A 276 16.17 11.64 9.99
N ASN A 277 15.16 12.47 9.78
CA ASN A 277 14.64 13.28 10.88
C ASN A 277 13.85 12.40 11.84
N LEU A 278 13.48 12.97 12.98
CA LEU A 278 12.75 12.22 13.99
C LEU A 278 11.48 11.56 13.49
N ARG A 279 10.72 12.27 12.66
CA ARG A 279 9.50 11.71 12.11
C ARG A 279 9.81 10.51 11.23
N GLU A 280 10.85 10.64 10.41
CA GLU A 280 11.24 9.56 9.51
C GLU A 280 11.75 8.36 10.30
N CYS A 281 12.41 8.63 11.43
CA CYS A 281 12.93 7.54 12.26
C CYS A 281 11.78 6.76 12.88
N ALA A 282 10.79 7.48 13.41
CA ALA A 282 9.62 6.88 14.02
C ALA A 282 8.85 6.05 13.01
N ARG A 283 8.71 6.57 11.79
CA ARG A 283 8.01 5.84 10.75
C ARG A 283 8.73 4.55 10.42
N PHE A 284 10.05 4.62 10.31
CA PHE A 284 10.83 3.44 10.00
C PHE A 284 10.72 2.45 11.15
N ALA A 285 10.79 2.95 12.38
CA ALA A 285 10.67 2.07 13.55
C ALA A 285 9.31 1.38 13.54
N ASN A 286 8.25 2.15 13.31
CA ASN A 286 6.90 1.57 13.27
C ASN A 286 6.75 0.55 12.16
N ALA A 287 7.35 0.83 11.01
CA ALA A 287 7.28 -0.05 9.85
C ALA A 287 8.01 -1.37 10.11
N THR A 288 9.19 -1.28 10.71
CA THR A 288 9.98 -2.46 11.02
C THR A 288 9.24 -3.33 12.04
N ALA A 289 8.63 -2.69 13.03
CA ALA A 289 7.88 -3.39 14.06
C ALA A 289 6.66 -4.07 13.46
N ALA A 290 6.02 -3.39 12.51
CA ALA A 290 4.84 -3.91 11.85
C ALA A 290 5.14 -5.19 11.08
N ILE A 291 6.27 -5.23 10.39
CA ILE A 291 6.65 -6.42 9.62
C ILE A 291 6.98 -7.58 10.56
N SER A 292 7.68 -7.28 11.65
CA SER A 292 8.06 -8.32 12.61
C SER A 292 6.86 -9.02 13.25
N VAL A 293 5.80 -8.28 13.54
CA VAL A 293 4.62 -8.86 14.18
C VAL A 293 3.78 -9.76 13.28
N LEU A 294 3.98 -9.66 11.97
CA LEU A 294 3.23 -10.49 11.02
C LEU A 294 3.77 -11.92 10.95
N SER A 295 4.98 -12.12 11.45
CA SER A 295 5.58 -13.45 11.44
C SER A 295 5.80 -13.92 12.87
N VAL A 296 5.99 -15.23 13.02
CA VAL A 296 6.20 -15.83 14.34
C VAL A 296 7.67 -15.82 14.73
N GLY A 297 7.97 -15.18 15.86
CA GLY A 297 9.34 -15.09 16.33
C GLY A 297 9.80 -13.65 16.26
N ALA A 298 10.86 -13.32 16.98
CA ALA A 298 11.38 -11.96 17.01
C ALA A 298 12.12 -11.52 15.75
N THR A 299 12.81 -12.43 15.07
CA THR A 299 13.56 -12.06 13.88
C THR A 299 13.20 -12.79 12.60
N THR A 300 12.01 -13.37 12.54
CA THR A 300 11.59 -14.08 11.33
C THR A 300 10.94 -13.15 10.31
N GLY A 301 10.23 -12.14 10.78
CA GLY A 301 9.56 -11.21 9.89
C GLY A 301 10.46 -10.35 9.01
N VAL A 302 11.33 -9.57 9.64
CA VAL A 302 12.23 -8.69 8.91
C VAL A 302 13.46 -9.42 8.41
N LYS A 303 13.37 -9.92 7.19
CA LYS A 303 14.47 -10.67 6.58
C LYS A 303 15.55 -9.78 5.96
N ASN A 304 15.15 -8.63 5.43
CA ASN A 304 16.12 -7.74 4.80
C ASN A 304 15.90 -6.26 5.05
N ARG A 305 15.20 -5.58 4.14
CA ARG A 305 14.95 -4.15 4.27
C ARG A 305 13.87 -3.70 3.29
N LYS A 306 13.87 -4.31 2.11
CA LYS A 306 12.90 -4.00 1.07
C LYS A 306 11.49 -4.13 1.62
N LEU A 307 11.30 -5.14 2.47
CA LEU A 307 10.01 -5.40 3.09
C LEU A 307 9.54 -4.19 3.88
N VAL A 308 10.47 -3.56 4.59
CA VAL A 308 10.15 -2.39 5.40
C VAL A 308 9.89 -1.14 4.56
N GLU A 309 10.77 -0.85 3.59
CA GLU A 309 10.58 0.32 2.75
C GLU A 309 9.30 0.11 1.93
N GLN A 310 8.91 -1.15 1.81
CA GLN A 310 7.71 -1.55 1.07
C GLN A 310 6.50 -0.89 1.73
N LEU A 311 6.68 -0.40 2.96
CA LEU A 311 5.63 0.27 3.70
C LEU A 311 5.89 1.77 3.80
N LEU B 6 0.05 3.12 -34.09
CA LEU B 6 -1.35 3.38 -33.63
C LEU B 6 -1.90 2.12 -32.97
N ASP B 7 -2.33 2.22 -31.72
CA ASP B 7 -2.84 1.05 -31.01
C ASP B 7 -4.36 0.89 -31.05
N VAL B 8 -5.07 1.98 -30.74
CA VAL B 8 -6.52 1.96 -30.67
C VAL B 8 -7.23 3.02 -31.50
N ILE B 9 -8.37 2.63 -32.09
CA ILE B 9 -9.21 3.55 -32.84
C ILE B 9 -10.53 3.55 -32.04
N CYS B 10 -10.91 4.71 -31.52
CA CYS B 10 -12.16 4.87 -30.76
C CYS B 10 -13.19 5.55 -31.64
N ILE B 11 -14.36 4.93 -31.78
CA ILE B 11 -15.42 5.50 -32.61
C ILE B 11 -16.57 5.90 -31.69
N GLY B 12 -17.00 7.16 -31.77
CA GLY B 12 -18.08 7.60 -30.93
C GLY B 12 -18.22 9.10 -30.94
N ALA B 13 -19.28 9.60 -30.32
CA ALA B 13 -19.55 11.02 -30.29
C ALA B 13 -18.74 11.79 -29.25
N ALA B 14 -17.98 12.79 -29.70
CA ALA B 14 -17.21 13.62 -28.80
C ALA B 14 -18.10 14.82 -28.54
N ILE B 15 -18.33 15.15 -27.28
CA ILE B 15 -19.18 16.30 -26.96
C ILE B 15 -18.54 17.20 -25.90
N VAL B 16 -19.24 18.29 -25.59
CA VAL B 16 -18.77 19.24 -24.61
C VAL B 16 -19.81 19.37 -23.50
N ASP B 17 -19.34 19.33 -22.26
CA ASP B 17 -20.20 19.50 -21.10
C ASP B 17 -19.90 20.84 -20.45
N ILE B 18 -20.95 21.50 -19.97
CA ILE B 18 -20.78 22.76 -19.27
C ILE B 18 -21.57 22.61 -17.97
N PRO B 19 -20.89 22.19 -16.89
CA PRO B 19 -21.61 22.02 -15.62
C PRO B 19 -21.82 23.35 -14.89
N LEU B 20 -23.04 23.56 -14.42
CA LEU B 20 -23.38 24.77 -13.67
C LEU B 20 -23.63 24.28 -12.25
N GLN B 21 -22.77 24.67 -11.30
CA GLN B 21 -22.90 24.22 -9.92
C GLN B 21 -22.49 25.28 -8.91
N PRO B 22 -23.32 25.50 -7.86
CA PRO B 22 -24.57 24.79 -7.56
C PRO B 22 -25.75 25.61 -8.08
N VAL B 23 -26.74 24.94 -8.65
CA VAL B 23 -27.90 25.64 -9.16
C VAL B 23 -29.19 25.00 -8.67
N SER B 24 -30.29 25.72 -8.82
CA SER B 24 -31.61 25.26 -8.40
C SER B 24 -32.62 26.08 -9.16
N LYS B 25 -33.90 25.82 -8.95
CA LYS B 25 -34.95 26.56 -9.64
C LYS B 25 -34.86 28.07 -9.39
N ASN B 26 -34.11 28.48 -8.36
CA ASN B 26 -33.97 29.89 -8.03
C ASN B 26 -33.30 30.68 -9.14
N ILE B 27 -32.64 29.99 -10.05
CA ILE B 27 -31.97 30.69 -11.13
C ILE B 27 -32.97 31.45 -12.00
N PHE B 28 -34.23 31.02 -11.97
CA PHE B 28 -35.30 31.66 -12.74
C PHE B 28 -35.98 32.81 -11.98
N ASP B 29 -35.68 32.92 -10.68
CA ASP B 29 -36.28 33.96 -9.85
C ASP B 29 -35.48 35.26 -9.80
N VAL B 30 -34.18 35.19 -10.11
CA VAL B 30 -33.33 36.38 -10.11
C VAL B 30 -32.94 36.76 -11.54
N ASP B 31 -32.49 38.00 -11.72
CA ASP B 31 -32.09 38.46 -13.04
C ASP B 31 -30.72 37.95 -13.45
N SER B 32 -29.85 37.78 -12.46
CA SER B 32 -28.50 37.30 -12.70
C SER B 32 -28.13 36.37 -11.56
N TYR B 33 -27.59 35.20 -11.91
CA TYR B 33 -27.21 34.20 -10.93
C TYR B 33 -25.73 33.93 -11.09
N PRO B 34 -24.91 34.43 -10.15
CA PRO B 34 -23.46 34.24 -10.22
C PRO B 34 -22.94 32.90 -9.70
N LEU B 35 -22.00 32.33 -10.43
CA LEU B 35 -21.36 31.06 -10.05
C LEU B 35 -19.86 31.35 -9.93
N GLU B 36 -19.15 30.46 -9.24
CA GLU B 36 -17.71 30.60 -9.05
C GLU B 36 -16.94 30.24 -10.32
N ARG B 37 -17.63 29.58 -11.24
CA ARG B 37 -17.00 29.19 -12.49
C ARG B 37 -17.98 28.61 -13.50
N ILE B 38 -17.70 28.86 -14.77
CA ILE B 38 -18.46 28.31 -15.88
C ILE B 38 -17.41 28.01 -16.94
N ALA B 39 -17.15 26.72 -17.15
CA ALA B 39 -16.16 26.32 -18.12
C ALA B 39 -16.58 25.08 -18.87
N THR B 41 -15.88 21.38 -20.68
CA THR B 41 -15.09 20.19 -20.41
C THR B 41 -15.54 19.22 -21.50
N THR B 42 -14.63 18.33 -21.92
CA THR B 42 -15.01 17.37 -22.94
C THR B 42 -15.81 16.28 -22.25
N GLY B 43 -16.68 15.62 -23.01
CA GLY B 43 -17.49 14.56 -22.46
C GLY B 43 -17.78 13.51 -23.51
N GLY B 44 -18.46 12.45 -23.10
CA GLY B 44 -18.78 11.40 -24.05
C GLY B 44 -17.79 10.27 -23.86
N ASP B 45 -18.30 9.04 -23.90
CA ASP B 45 -17.47 7.86 -23.71
C ASP B 45 -16.26 7.76 -24.67
N ALA B 46 -16.46 8.10 -25.93
CA ALA B 46 -15.40 8.03 -26.95
C ALA B 46 -14.17 8.88 -26.62
N ILE B 47 -14.38 10.16 -26.36
CA ILE B 47 -13.25 11.02 -26.07
C ILE B 47 -12.64 10.70 -24.71
N ASN B 48 -13.49 10.31 -23.75
CA ASN B 48 -12.98 9.96 -22.44
C ASN B 48 -12.05 8.75 -22.55
N GLU B 49 -12.48 7.73 -23.28
CA GLU B 49 -11.65 6.54 -23.44
C GLU B 49 -10.36 6.91 -24.18
N ALA B 50 -10.46 7.67 -25.25
CA ALA B 50 -9.27 8.06 -26.00
C ALA B 50 -8.30 8.81 -25.08
N THR B 51 -8.84 9.62 -24.19
CA THR B 51 -8.02 10.40 -23.26
C THR B 51 -7.28 9.52 -22.26
N ILE B 52 -8.01 8.63 -21.60
CA ILE B 52 -7.43 7.73 -20.61
C ILE B 52 -6.43 6.75 -21.22
N ILE B 53 -6.81 6.11 -22.32
CA ILE B 53 -5.92 5.16 -22.98
C ILE B 53 -4.63 5.88 -23.38
N SER B 54 -4.73 7.10 -23.89
CA SER B 54 -3.53 7.86 -24.28
C SER B 54 -2.66 8.18 -23.05
N ARG B 55 -3.29 8.50 -21.93
CA ARG B 55 -2.56 8.82 -20.71
C ARG B 55 -1.90 7.56 -20.17
N LEU B 56 -2.44 6.39 -20.53
CA LEU B 56 -1.87 5.13 -20.08
C LEU B 56 -0.72 4.70 -21.01
N GLY B 57 -0.43 5.54 -22.00
CA GLY B 57 0.68 5.27 -22.90
C GLY B 57 0.42 4.60 -24.24
N HIS B 58 -0.85 4.54 -24.66
CA HIS B 58 -1.17 3.89 -25.92
C HIS B 58 -1.74 4.87 -26.94
N ARG B 59 -1.10 4.92 -28.11
CA ARG B 59 -1.51 5.83 -29.18
C ARG B 59 -2.93 5.52 -29.62
N THR B 60 -3.79 6.53 -29.60
CA THR B 60 -5.18 6.37 -29.98
C THR B 60 -5.63 7.39 -31.02
N ALA B 61 -6.57 6.99 -31.86
CA ALA B 61 -7.13 7.86 -32.88
C ALA B 61 -8.62 7.97 -32.59
N LEU B 62 -9.20 9.15 -32.75
CA LEU B 62 -10.62 9.34 -32.51
C LEU B 62 -11.39 9.62 -33.81
N SER B 64 -15.05 10.70 -35.11
CA SER B 64 -16.28 11.26 -34.62
C SER B 64 -16.73 12.31 -35.62
N ARG B 65 -17.76 13.07 -35.25
CA ARG B 65 -18.27 14.13 -36.10
C ARG B 65 -18.61 15.31 -35.21
N ILE B 66 -18.04 16.48 -35.49
CA ILE B 66 -18.30 17.68 -34.71
C ILE B 66 -18.55 18.85 -35.66
N GLY B 67 -19.06 19.97 -35.13
CA GLY B 67 -19.29 21.13 -35.99
C GLY B 67 -18.04 21.99 -36.07
N LYS B 68 -18.09 23.04 -36.89
CA LYS B 68 -16.98 23.97 -37.02
C LYS B 68 -17.34 25.14 -36.12
N ASP B 69 -17.26 24.89 -34.83
CA ASP B 69 -17.62 25.89 -33.83
C ASP B 69 -16.74 25.88 -32.59
N ALA B 70 -17.07 26.74 -31.63
CA ALA B 70 -16.30 26.85 -30.40
C ALA B 70 -16.18 25.53 -29.64
N ALA B 71 -17.29 24.80 -29.51
CA ALA B 71 -17.27 23.52 -28.81
C ALA B 71 -16.38 22.56 -29.59
N GLY B 72 -16.47 22.60 -30.91
CA GLY B 72 -15.65 21.72 -31.73
C GLY B 72 -14.18 22.04 -31.54
N GLN B 73 -13.85 23.32 -31.49
CA GLN B 73 -12.47 23.72 -31.31
C GLN B 73 -11.95 23.25 -29.95
N PHE B 74 -12.80 23.31 -28.94
CA PHE B 74 -12.41 22.87 -27.60
C PHE B 74 -12.03 21.39 -27.65
N ILE B 75 -12.81 20.61 -28.38
CA ILE B 75 -12.56 19.19 -28.55
C ILE B 75 -11.24 18.94 -29.29
N LEU B 76 -10.98 19.68 -30.36
CA LEU B 76 -9.73 19.46 -31.09
C LEU B 76 -8.54 19.88 -30.23
N ASP B 77 -8.71 20.92 -29.42
CA ASP B 77 -7.62 21.37 -28.56
C ASP B 77 -7.31 20.31 -27.51
N HIS B 78 -8.36 19.76 -26.91
CA HIS B 78 -8.20 18.74 -25.89
C HIS B 78 -7.47 17.53 -26.48
N CYS B 79 -7.87 17.12 -27.67
CA CYS B 79 -7.22 15.99 -28.30
C CYS B 79 -5.73 16.29 -28.56
N ARG B 80 -5.44 17.51 -28.98
CA ARG B 80 -4.05 17.88 -29.23
C ARG B 80 -3.23 17.75 -27.95
N LYS B 81 -3.74 18.31 -26.86
CA LYS B 81 -3.04 18.26 -25.59
C LYS B 81 -2.85 16.86 -25.05
N GLU B 82 -3.76 15.94 -25.40
CA GLU B 82 -3.69 14.55 -24.95
C GLU B 82 -3.00 13.68 -25.99
N ASN B 83 -2.66 14.29 -27.11
CA ASN B 83 -2.02 13.62 -28.24
C ASN B 83 -2.92 12.55 -28.86
N ILE B 84 -4.22 12.86 -28.93
CA ILE B 84 -5.19 11.95 -29.54
C ILE B 84 -5.22 12.28 -31.02
N ASP B 85 -5.01 11.27 -31.85
CA ASP B 85 -5.01 11.47 -33.30
C ASP B 85 -6.39 11.90 -33.77
N ILE B 86 -6.47 13.04 -34.45
CA ILE B 86 -7.75 13.54 -34.94
C ILE B 86 -7.75 13.75 -36.45
N GLN B 87 -6.85 13.09 -37.16
CA GLN B 87 -6.79 13.23 -38.61
C GLN B 87 -8.10 12.78 -39.28
N SER B 88 -8.78 11.82 -38.66
CA SER B 88 -10.03 11.29 -39.22
C SER B 88 -11.26 12.01 -38.70
N LEU B 89 -11.09 12.87 -37.71
CA LEU B 89 -12.21 13.58 -37.12
C LEU B 89 -12.91 14.53 -38.10
N LYS B 90 -14.14 14.21 -38.44
CA LYS B 90 -14.93 15.01 -39.37
C LYS B 90 -15.50 16.28 -38.74
N GLN B 91 -15.24 17.41 -39.39
CA GLN B 91 -15.76 18.71 -38.94
C GLN B 91 -16.82 19.08 -39.96
N ASP B 92 -18.05 19.25 -39.49
CA ASP B 92 -19.20 19.54 -40.33
C ASP B 92 -19.78 20.93 -40.06
N VAL B 93 -19.75 21.80 -41.07
CA VAL B 93 -20.28 23.16 -40.91
C VAL B 93 -21.80 23.19 -40.82
N SER B 94 -22.46 22.10 -41.19
CA SER B 94 -23.93 22.09 -41.14
C SER B 94 -24.50 21.61 -39.81
N ILE B 95 -23.65 21.34 -38.83
CA ILE B 95 -24.16 20.89 -37.53
C ILE B 95 -23.52 21.63 -36.36
N ASP B 96 -24.21 21.61 -35.22
CA ASP B 96 -23.67 22.24 -34.01
C ASP B 96 -23.10 21.11 -33.16
N THR B 97 -21.90 21.33 -32.62
CA THR B 97 -21.29 20.32 -31.77
C THR B 97 -22.19 20.16 -30.55
N SER B 98 -22.45 18.93 -30.12
CA SER B 98 -23.31 18.70 -28.96
C SER B 98 -22.73 19.34 -27.71
N ILE B 99 -23.55 20.16 -27.06
CA ILE B 99 -23.15 20.80 -25.81
C ILE B 99 -24.19 20.37 -24.78
N ASN B 100 -23.74 19.71 -23.72
CA ASN B 100 -24.63 19.28 -22.65
C ASN B 100 -24.48 20.23 -21.46
N VAL B 101 -25.55 20.92 -21.08
CA VAL B 101 -25.46 21.81 -19.93
C VAL B 101 -25.88 21.04 -18.68
N GLY B 102 -25.01 20.99 -17.68
CA GLY B 102 -25.37 20.28 -16.47
C GLY B 102 -25.91 21.19 -15.40
N LEU B 103 -27.06 20.83 -14.83
CA LEU B 103 -27.67 21.59 -13.74
C LEU B 103 -27.30 20.79 -12.49
N VAL B 104 -26.26 21.25 -11.80
CA VAL B 104 -25.73 20.54 -10.64
C VAL B 104 -26.03 21.13 -9.27
N THR B 105 -26.45 20.30 -8.33
CA THR B 105 -26.73 20.75 -6.96
C THR B 105 -25.44 20.58 -6.14
N GLU B 106 -25.42 21.08 -4.91
CA GLU B 106 -24.23 20.98 -4.06
C GLU B 106 -23.59 19.59 -3.97
N ASP B 107 -24.41 18.54 -3.92
CA ASP B 107 -23.88 17.17 -3.78
C ASP B 107 -23.28 16.53 -5.01
N GLY B 108 -23.24 17.26 -6.13
CA GLY B 108 -22.68 16.68 -7.34
C GLY B 108 -23.78 16.10 -8.21
N GLU B 109 -24.97 15.99 -7.62
CA GLU B 109 -26.18 15.48 -8.29
C GLU B 109 -26.48 16.38 -9.48
N ARG B 110 -27.01 15.81 -10.56
CA ARG B 110 -27.32 16.66 -11.70
C ARG B 110 -28.30 16.12 -12.70
N THR B 111 -28.86 17.06 -13.47
CA THR B 111 -29.78 16.77 -14.56
C THR B 111 -29.15 17.52 -15.73
N PHE B 112 -29.60 17.23 -16.95
CA PHE B 112 -29.02 17.84 -18.13
C PHE B 112 -29.99 18.55 -19.06
N VAL B 113 -29.46 19.51 -19.81
CA VAL B 113 -30.21 20.25 -20.82
C VAL B 113 -29.38 19.93 -22.04
N THR B 114 -30.00 19.29 -23.03
CA THR B 114 -29.26 18.87 -24.22
C THR B 114 -29.81 19.42 -25.53
N ASN B 115 -29.07 19.16 -26.59
CA ASN B 115 -29.44 19.59 -27.93
C ASN B 115 -29.91 18.37 -28.73
N ARG B 116 -31.23 18.23 -28.91
CA ARG B 116 -31.81 17.10 -29.67
C ARG B 116 -31.21 16.93 -31.06
N ASN B 117 -30.64 18.00 -31.60
CA ASN B 117 -30.08 17.99 -32.93
C ASN B 117 -28.57 18.13 -32.97
N GLY B 118 -27.93 17.94 -31.82
CA GLY B 118 -26.48 18.07 -31.71
C GLY B 118 -25.72 17.01 -32.49
N SER B 119 -24.43 17.26 -32.69
CA SER B 119 -23.56 16.35 -33.45
C SER B 119 -23.60 14.89 -32.98
N LEU B 120 -23.89 14.65 -31.70
CA LEU B 120 -23.95 13.28 -31.21
C LEU B 120 -24.94 12.44 -32.02
N TRP B 121 -26.04 13.07 -32.43
CA TRP B 121 -27.06 12.39 -33.22
C TRP B 121 -26.72 12.23 -34.70
N LYS B 122 -25.73 12.99 -35.15
CA LYS B 122 -25.36 12.98 -36.57
C LYS B 122 -24.28 11.99 -36.96
N LEU B 123 -23.55 11.47 -35.98
CA LEU B 123 -22.47 10.52 -36.27
C LEU B 123 -22.99 9.34 -37.09
N ASN B 124 -22.29 9.00 -38.16
CA ASN B 124 -22.70 7.87 -38.99
C ASN B 124 -21.50 7.18 -39.62
N ILE B 125 -21.77 6.15 -40.40
CA ILE B 125 -20.69 5.38 -41.00
C ILE B 125 -19.76 6.15 -41.94
N ASP B 126 -20.22 7.30 -42.46
CA ASP B 126 -19.39 8.13 -43.34
C ASP B 126 -18.19 8.65 -42.55
N ASP B 127 -18.33 8.70 -41.23
CA ASP B 127 -17.26 9.20 -40.36
C ASP B 127 -16.24 8.15 -39.95
N VAL B 128 -16.39 6.94 -40.48
CA VAL B 128 -15.45 5.87 -40.17
C VAL B 128 -14.44 5.76 -41.31
N ASP B 129 -13.15 5.98 -41.03
CA ASP B 129 -12.14 5.89 -42.07
C ASP B 129 -11.61 4.46 -42.10
N PHE B 130 -12.25 3.60 -42.89
CA PHE B 130 -11.86 2.21 -42.97
C PHE B 130 -10.44 1.95 -43.45
N ALA B 131 -9.86 2.88 -44.20
CA ALA B 131 -8.50 2.71 -44.70
C ALA B 131 -7.46 2.78 -43.58
N ARG B 132 -7.82 3.37 -42.45
CA ARG B 132 -6.89 3.47 -41.34
C ARG B 132 -6.94 2.28 -40.39
N PHE B 133 -7.92 1.41 -40.59
CA PHE B 133 -8.07 0.21 -39.74
C PHE B 133 -6.82 -0.67 -39.72
N SER B 134 -6.11 -0.75 -40.85
CA SER B 134 -4.92 -1.61 -40.93
C SER B 134 -3.79 -1.13 -40.04
N GLN B 135 -3.88 0.11 -39.56
CA GLN B 135 -2.84 0.68 -38.71
C GLN B 135 -3.03 0.48 -37.21
N ALA B 136 -4.18 -0.06 -36.81
CA ALA B 136 -4.45 -0.25 -35.39
C ALA B 136 -4.63 -1.71 -34.96
N LYS B 137 -4.52 -1.94 -33.66
CA LYS B 137 -4.65 -3.27 -33.09
C LYS B 137 -6.00 -3.51 -32.42
N LEU B 138 -6.68 -2.43 -32.05
CA LEU B 138 -7.94 -2.58 -31.36
C LEU B 138 -8.95 -1.48 -31.69
N LEU B 139 -10.22 -1.88 -31.80
CA LEU B 139 -11.29 -0.95 -32.10
C LEU B 139 -12.20 -0.88 -30.89
N SER B 140 -12.52 0.33 -30.47
CA SER B 140 -13.40 0.51 -29.32
C SER B 140 -14.60 1.30 -29.81
N LEU B 141 -15.74 0.64 -29.88
CA LEU B 141 -16.96 1.29 -30.32
C LEU B 141 -17.46 1.88 -29.01
N ALA B 142 -17.17 3.16 -28.79
CA ALA B 142 -17.54 3.83 -27.55
C ALA B 142 -19.01 4.18 -27.48
N SER B 143 -19.80 3.19 -27.08
CA SER B 143 -21.24 3.25 -26.86
C SER B 143 -22.19 2.93 -28.00
N ILE B 144 -22.56 1.65 -28.05
CA ILE B 144 -23.53 1.15 -29.02
C ILE B 144 -24.76 1.88 -28.53
N PHE B 145 -25.57 2.37 -29.47
CA PHE B 145 -26.80 3.11 -29.17
C PHE B 145 -26.60 4.61 -28.95
N ASN B 146 -25.39 5.06 -28.64
CA ASN B 146 -25.17 6.49 -28.41
C ASN B 146 -25.52 7.33 -29.63
N SER B 147 -25.08 6.90 -30.81
CA SER B 147 -25.37 7.60 -32.07
C SER B 147 -26.26 6.70 -32.91
N PRO B 148 -27.57 6.99 -32.95
CA PRO B 148 -28.61 6.26 -33.69
C PRO B 148 -28.38 5.86 -35.16
N LEU B 149 -27.64 6.67 -35.91
CA LEU B 149 -27.42 6.33 -37.32
C LEU B 149 -26.47 5.14 -37.46
N LEU B 150 -25.75 4.83 -36.39
CA LEU B 150 -24.86 3.67 -36.39
C LEU B 150 -25.77 2.52 -35.97
N ASP B 151 -26.70 2.14 -36.84
CA ASP B 151 -27.62 1.06 -36.54
C ASP B 151 -26.95 -0.31 -36.59
N GLY B 152 -27.73 -1.35 -36.30
CA GLY B 152 -27.20 -2.70 -36.34
C GLY B 152 -26.47 -3.02 -37.63
N LYS B 153 -27.04 -2.62 -38.77
CA LYS B 153 -26.41 -2.91 -40.05
C LYS B 153 -25.08 -2.16 -40.22
N ALA B 154 -25.03 -0.91 -39.77
CA ALA B 154 -23.80 -0.12 -39.87
C ALA B 154 -22.72 -0.72 -38.98
N LEU B 155 -23.10 -1.10 -37.76
CA LEU B 155 -22.17 -1.68 -36.82
C LEU B 155 -21.61 -2.98 -37.39
N THR B 156 -22.48 -3.78 -37.99
CA THR B 156 -22.03 -5.03 -38.57
C THR B 156 -20.95 -4.77 -39.63
N GLU B 157 -21.17 -3.77 -40.46
CA GLU B 157 -20.18 -3.42 -41.50
C GLU B 157 -18.88 -2.96 -40.86
N ILE B 158 -18.98 -2.14 -39.83
CA ILE B 158 -17.79 -1.65 -39.15
C ILE B 158 -17.00 -2.81 -38.55
N PHE B 159 -17.71 -3.68 -37.82
CA PHE B 159 -17.05 -4.81 -37.18
C PHE B 159 -16.53 -5.84 -38.19
N THR B 160 -17.24 -6.01 -39.31
CA THR B 160 -16.82 -6.96 -40.32
C THR B 160 -15.43 -6.58 -40.83
N GLN B 161 -15.22 -5.28 -41.07
CA GLN B 161 -13.93 -4.84 -41.54
C GLN B 161 -12.88 -4.95 -40.43
N ALA B 162 -13.26 -4.62 -39.20
CA ALA B 162 -12.35 -4.71 -38.09
C ALA B 162 -11.91 -6.17 -37.91
N LYS B 163 -12.86 -7.07 -37.92
CA LYS B 163 -12.56 -8.50 -37.76
C LYS B 163 -11.69 -9.02 -38.90
N ALA B 164 -11.91 -8.48 -40.10
CA ALA B 164 -11.14 -8.91 -41.27
C ALA B 164 -9.67 -8.62 -41.06
N ARG B 165 -9.40 -7.54 -40.34
CA ARG B 165 -8.02 -7.14 -40.08
C ARG B 165 -7.48 -7.64 -38.74
N GLN B 166 -8.12 -8.65 -38.19
CA GLN B 166 -7.70 -9.26 -36.91
C GLN B 166 -7.65 -8.30 -35.72
N ILE B 168 -8.87 -6.44 -32.30
CA ILE B 168 -9.63 -6.87 -31.13
C ILE B 168 -10.79 -5.89 -31.14
N ILE B 169 -12.02 -6.35 -30.95
CA ILE B 169 -13.15 -5.45 -30.95
C ILE B 169 -13.77 -5.31 -29.55
N CYS B 170 -13.79 -4.08 -29.06
CA CYS B 170 -14.36 -3.77 -27.75
C CYS B 170 -15.54 -2.83 -27.93
N ALA B 171 -16.54 -2.95 -27.07
CA ALA B 171 -17.69 -2.08 -27.15
C ALA B 171 -18.39 -1.95 -25.81
N ASP B 172 -18.90 -0.76 -25.51
CA ASP B 172 -19.66 -0.57 -24.30
C ASP B 172 -21.02 -0.14 -24.82
N ILE B 174 -25.02 2.13 -23.97
CA ILE B 174 -25.80 3.08 -23.20
C ILE B 174 -27.24 2.64 -23.38
N LYS B 175 -28.19 3.35 -22.78
CA LYS B 175 -29.59 2.98 -22.93
C LYS B 175 -30.04 3.46 -24.30
N PRO B 176 -30.65 2.58 -25.10
CA PRO B 176 -31.10 3.01 -26.44
C PRO B 176 -31.90 4.30 -26.38
N ARG B 177 -31.69 5.17 -27.37
CA ARG B 177 -32.37 6.45 -27.43
C ARG B 177 -33.67 6.40 -28.22
N LEU B 178 -33.76 5.48 -29.17
CA LEU B 178 -34.95 5.40 -30.01
C LEU B 178 -35.61 4.02 -30.02
N ASN B 179 -35.73 3.42 -28.83
CA ASN B 179 -36.37 2.12 -28.70
C ASN B 179 -35.69 0.95 -29.40
N GLU B 180 -34.39 1.03 -29.64
CA GLU B 180 -33.68 -0.07 -30.29
C GLU B 180 -33.62 -1.21 -29.29
N THR B 181 -33.54 -2.44 -29.77
CA THR B 181 -33.49 -3.59 -28.88
C THR B 181 -32.23 -4.42 -29.06
N LEU B 182 -32.03 -5.37 -28.15
CA LEU B 182 -30.88 -6.24 -28.23
C LEU B 182 -30.94 -7.02 -29.55
N ASP B 183 -32.15 -7.38 -29.94
CA ASP B 183 -32.34 -8.13 -31.18
C ASP B 183 -31.84 -7.37 -32.40
N ASP B 184 -31.96 -6.04 -32.35
CA ASP B 184 -31.51 -5.19 -33.45
C ASP B 184 -30.00 -5.21 -33.65
N ILE B 185 -29.26 -5.49 -32.57
CA ILE B 185 -27.80 -5.51 -32.65
C ILE B 185 -27.16 -6.88 -32.41
N CYS B 186 -27.98 -7.92 -32.31
CA CYS B 186 -27.46 -9.27 -32.06
C CYS B 186 -26.41 -9.69 -33.07
N GLU B 187 -26.67 -9.44 -34.35
CA GLU B 187 -25.70 -9.80 -35.40
C GLU B 187 -24.41 -9.02 -35.24
N ALA B 188 -24.52 -7.74 -34.93
CA ALA B 188 -23.32 -6.92 -34.74
C ALA B 188 -22.54 -7.46 -33.55
N LEU B 189 -23.27 -7.84 -32.49
CA LEU B 189 -22.63 -8.35 -31.28
C LEU B 189 -21.78 -9.60 -31.49
N SER B 190 -22.11 -10.41 -32.49
CA SER B 190 -21.36 -11.64 -32.73
C SER B 190 -19.91 -11.40 -33.13
N TYR B 191 -19.58 -10.14 -33.42
CA TYR B 191 -18.21 -9.80 -33.80
C TYR B 191 -17.45 -9.24 -32.60
N VAL B 192 -18.16 -8.91 -31.53
CA VAL B 192 -17.51 -8.31 -30.36
C VAL B 192 -16.69 -9.27 -29.49
N ASP B 193 -15.45 -8.89 -29.21
CA ASP B 193 -14.59 -9.72 -28.36
C ASP B 193 -14.78 -9.38 -26.90
N TYR B 194 -14.93 -8.10 -26.60
CA TYR B 194 -15.12 -7.66 -25.23
C TYR B 194 -16.25 -6.65 -25.15
N LEU B 195 -17.31 -7.01 -24.43
CA LEU B 195 -18.46 -6.12 -24.25
C LEU B 195 -18.43 -5.62 -22.81
N PHE B 196 -18.54 -4.30 -22.64
CA PHE B 196 -18.53 -3.69 -21.31
C PHE B 196 -19.89 -3.06 -21.01
N PRO B 197 -20.89 -3.89 -20.72
CA PRO B 197 -22.22 -3.34 -20.43
C PRO B 197 -22.34 -2.72 -19.04
N ASN B 198 -23.18 -1.71 -18.94
CA ASN B 198 -23.46 -1.05 -17.66
C ASN B 198 -24.51 -1.96 -17.03
N PHE B 199 -24.23 -2.48 -15.84
CA PHE B 199 -25.16 -3.39 -15.18
C PHE B 199 -26.62 -2.96 -15.17
N ALA B 200 -26.90 -1.75 -14.69
CA ALA B 200 -28.27 -1.26 -14.62
C ALA B 200 -28.93 -1.23 -15.99
N GLU B 201 -28.25 -0.62 -16.96
CA GLU B 201 -28.78 -0.53 -18.31
C GLU B 201 -28.95 -1.90 -18.95
N ALA B 202 -27.98 -2.79 -18.72
CA ALA B 202 -28.04 -4.15 -19.27
C ALA B 202 -29.20 -4.91 -18.65
N LYS B 203 -29.47 -4.62 -17.38
CA LYS B 203 -30.57 -5.27 -16.68
C LYS B 203 -31.87 -4.92 -17.40
N LEU B 204 -32.02 -3.66 -17.78
CA LEU B 204 -33.21 -3.21 -18.48
C LEU B 204 -33.27 -3.67 -19.94
N LEU B 205 -32.10 -3.84 -20.56
CA LEU B 205 -32.05 -4.27 -21.96
C LEU B 205 -32.32 -5.77 -22.12
N THR B 206 -31.83 -6.57 -21.17
CA THR B 206 -32.02 -8.01 -21.22
C THR B 206 -33.27 -8.47 -20.47
N GLY B 207 -33.66 -7.71 -19.46
CA GLY B 207 -34.83 -8.09 -18.66
C GLY B 207 -34.45 -9.17 -17.67
N LYS B 208 -33.16 -9.43 -17.54
CA LYS B 208 -32.67 -10.44 -16.61
C LYS B 208 -32.28 -9.83 -15.27
N GLU B 209 -32.21 -10.67 -14.24
CA GLU B 209 -31.90 -10.21 -12.88
C GLU B 209 -30.48 -10.46 -12.39
N THR B 210 -29.95 -11.64 -12.69
CA THR B 210 -28.61 -12.00 -12.25
C THR B 210 -27.52 -11.71 -13.28
N LEU B 211 -26.29 -11.60 -12.79
CA LEU B 211 -25.14 -11.34 -13.66
C LEU B 211 -25.00 -12.46 -14.68
N ASP B 212 -25.28 -13.68 -14.25
CA ASP B 212 -25.19 -14.83 -15.14
C ASP B 212 -26.20 -14.75 -16.28
N GLU B 213 -27.45 -14.45 -15.94
CA GLU B 213 -28.50 -14.35 -16.95
C GLU B 213 -28.26 -13.19 -17.90
N ILE B 214 -27.87 -12.05 -17.35
CA ILE B 214 -27.59 -10.87 -18.14
C ILE B 214 -26.44 -11.16 -19.11
N ALA B 215 -25.33 -11.67 -18.60
CA ALA B 215 -24.18 -12.00 -19.43
C ALA B 215 -24.56 -13.03 -20.52
N ASP B 216 -25.34 -14.04 -20.14
CA ASP B 216 -25.76 -15.07 -21.10
C ASP B 216 -26.50 -14.49 -22.31
N CYS B 217 -27.31 -13.47 -22.09
CA CYS B 217 -28.05 -12.86 -23.21
C CYS B 217 -27.11 -12.34 -24.28
N PHE B 218 -26.01 -11.72 -23.86
CA PHE B 218 -25.04 -11.17 -24.80
C PHE B 218 -24.22 -12.29 -25.41
N LEU B 219 -23.81 -13.26 -24.58
CA LEU B 219 -23.04 -14.38 -25.07
C LEU B 219 -23.87 -15.12 -26.12
N ALA B 220 -25.18 -15.15 -25.94
CA ALA B 220 -26.06 -15.81 -26.89
C ALA B 220 -26.02 -15.15 -28.28
N CYS B 221 -25.61 -13.88 -28.34
CA CYS B 221 -25.51 -13.19 -29.63
C CYS B 221 -24.14 -13.38 -30.27
N GLY B 222 -23.24 -14.07 -29.56
CA GLY B 222 -21.91 -14.32 -30.10
C GLY B 222 -20.77 -13.53 -29.50
N VAL B 223 -21.07 -12.70 -28.49
CA VAL B 223 -20.02 -11.91 -27.84
C VAL B 223 -19.07 -12.91 -27.20
N LYS B 224 -17.77 -12.70 -27.34
CA LYS B 224 -16.80 -13.63 -26.78
C LYS B 224 -16.67 -13.49 -25.27
N THR B 225 -16.45 -12.26 -24.81
CA THR B 225 -16.28 -12.00 -23.40
C THR B 225 -17.16 -10.85 -22.91
N VAL B 226 -17.91 -11.08 -21.84
CA VAL B 226 -18.76 -10.05 -21.26
C VAL B 226 -18.11 -9.60 -19.95
N VAL B 227 -17.80 -8.32 -19.86
CA VAL B 227 -17.18 -7.80 -18.65
C VAL B 227 -18.12 -6.79 -18.03
N ILE B 228 -18.68 -7.14 -16.87
CA ILE B 228 -19.62 -6.27 -16.17
C ILE B 228 -19.01 -5.68 -14.90
N LYS B 229 -18.88 -4.37 -14.87
CA LYS B 229 -18.34 -3.67 -13.70
C LYS B 229 -19.45 -3.70 -12.66
N THR B 230 -19.10 -4.14 -11.46
CA THR B 230 -20.08 -4.24 -10.38
C THR B 230 -19.75 -3.24 -9.27
N GLY B 231 -19.10 -2.14 -9.67
CA GLY B 231 -18.72 -1.07 -8.76
C GLY B 231 -18.67 -1.42 -7.30
N LYS B 232 -17.46 -1.59 -6.75
CA LYS B 232 -17.27 -1.95 -5.35
C LYS B 232 -16.93 -3.42 -5.24
N ASP B 233 -17.78 -4.27 -5.83
CA ASP B 233 -17.54 -5.69 -5.82
C ASP B 233 -16.56 -6.00 -6.95
N GLY B 234 -15.99 -4.95 -7.55
CA GLY B 234 -15.04 -5.12 -8.62
C GLY B 234 -15.74 -5.36 -9.95
N CYS B 235 -15.57 -6.55 -10.52
CA CYS B 235 -16.21 -6.86 -11.79
C CYS B 235 -16.49 -8.34 -11.97
N PHE B 236 -17.47 -8.64 -12.81
CA PHE B 236 -17.91 -9.99 -13.12
C PHE B 236 -17.62 -10.24 -14.60
N ILE B 237 -16.88 -11.30 -14.91
CA ILE B 237 -16.54 -11.63 -16.29
C ILE B 237 -17.07 -13.01 -16.67
N LYS B 238 -17.68 -13.13 -17.85
CA LYS B 238 -18.18 -14.43 -18.27
C LYS B 238 -17.86 -14.68 -19.73
N ARG B 239 -17.56 -15.93 -20.04
CA ARG B 239 -17.22 -16.32 -21.39
C ARG B 239 -18.14 -17.53 -21.66
N GLY B 240 -18.08 -18.11 -22.84
CA GLY B 240 -18.96 -19.24 -23.13
C GLY B 240 -18.61 -20.52 -22.40
N ASP B 241 -17.62 -20.45 -21.52
CA ASP B 241 -17.16 -21.63 -20.80
C ASP B 241 -16.38 -21.25 -19.54
N THR B 243 -16.59 -18.31 -15.77
CA THR B 243 -17.03 -17.11 -15.08
C THR B 243 -15.90 -16.73 -14.13
N LYS B 245 -14.67 -13.61 -11.13
CA LYS B 245 -14.99 -12.45 -10.34
C LYS B 245 -13.69 -11.86 -9.86
N VAL B 246 -13.47 -10.58 -10.13
CA VAL B 246 -12.27 -9.89 -9.68
C VAL B 246 -12.71 -8.73 -8.77
N PRO B 247 -12.44 -8.86 -7.47
CA PRO B 247 -12.78 -7.88 -6.43
C PRO B 247 -11.93 -6.63 -6.64
N ALA B 248 -12.30 -5.55 -5.98
CA ALA B 248 -11.56 -4.30 -6.09
C ALA B 248 -10.67 -4.17 -4.85
N THR B 257 -17.01 8.70 -9.61
CA THR B 257 -18.07 7.82 -10.10
C THR B 257 -18.54 8.21 -11.48
N ILE B 258 -18.40 9.50 -11.82
CA ILE B 258 -18.83 10.00 -13.12
C ILE B 258 -18.13 9.33 -14.29
N GLY B 259 -16.80 9.25 -14.25
CA GLY B 259 -16.08 8.62 -15.35
C GLY B 259 -15.63 7.20 -15.05
N ALA B 260 -16.14 6.62 -13.97
CA ALA B 260 -15.77 5.27 -13.55
C ALA B 260 -15.82 4.25 -14.71
N GLY B 261 -16.96 4.21 -15.39
CA GLY B 261 -17.13 3.28 -16.49
C GLY B 261 -16.08 3.45 -17.58
N ASP B 262 -15.78 4.69 -17.95
CA ASP B 262 -14.79 4.97 -18.99
C ASP B 262 -13.39 4.60 -18.50
N ASN B 263 -13.09 4.90 -17.24
CA ASN B 263 -11.78 4.58 -16.70
C ASN B 263 -11.60 3.07 -16.71
N PHE B 264 -12.64 2.35 -16.31
CA PHE B 264 -12.59 0.89 -16.28
C PHE B 264 -12.27 0.31 -17.66
N ALA B 265 -13.10 0.62 -18.66
CA ALA B 265 -12.89 0.09 -20.00
C ALA B 265 -11.53 0.48 -20.58
N SER B 266 -11.10 1.72 -20.30
CA SER B 266 -9.82 2.20 -20.79
C SER B 266 -8.67 1.41 -20.18
N GLY B 267 -8.76 1.11 -18.89
CA GLY B 267 -7.72 0.35 -18.25
C GLY B 267 -7.74 -1.08 -18.74
N PHE B 268 -8.94 -1.63 -18.95
CA PHE B 268 -9.03 -2.99 -19.43
C PHE B 268 -8.38 -3.08 -20.81
N ILE B 269 -8.67 -2.11 -21.66
CA ILE B 269 -8.12 -2.03 -23.01
C ILE B 269 -6.60 -1.86 -23.02
N ALA B 270 -6.10 -1.02 -22.13
CA ALA B 270 -4.67 -0.80 -22.04
C ALA B 270 -3.99 -2.13 -21.70
N ALA B 271 -4.57 -2.86 -20.76
CA ALA B 271 -4.01 -4.14 -20.33
C ALA B 271 -4.02 -5.17 -21.47
N LEU B 272 -5.10 -5.20 -22.23
CA LEU B 272 -5.22 -6.13 -23.35
C LEU B 272 -4.10 -5.90 -24.35
N LEU B 273 -3.86 -4.62 -24.66
CA LEU B 273 -2.81 -4.22 -25.60
C LEU B 273 -1.42 -4.64 -25.11
N GLU B 274 -1.28 -4.84 -23.81
CA GLU B 274 0.00 -5.24 -23.23
C GLU B 274 0.12 -6.75 -23.07
N GLY B 275 -0.86 -7.47 -23.61
CA GLY B 275 -0.85 -8.93 -23.54
C GLY B 275 -1.08 -9.52 -22.17
N LYS B 276 -1.74 -8.79 -21.29
CA LYS B 276 -2.00 -9.30 -19.95
C LYS B 276 -3.15 -10.30 -19.98
N ASN B 277 -3.14 -11.25 -19.03
CA ASN B 277 -4.21 -12.24 -18.98
C ASN B 277 -5.48 -11.58 -18.45
N LEU B 278 -6.59 -12.28 -18.58
CA LEU B 278 -7.88 -11.76 -18.17
C LEU B 278 -7.90 -11.21 -16.74
N ARG B 279 -7.33 -11.95 -15.79
CA ARG B 279 -7.28 -11.51 -14.40
C ARG B 279 -6.56 -10.16 -14.29
N GLU B 280 -5.39 -10.08 -14.91
CA GLU B 280 -4.59 -8.86 -14.86
C GLU B 280 -5.30 -7.68 -15.54
N CYS B 281 -6.05 -7.98 -16.60
CA CYS B 281 -6.79 -6.93 -17.31
C CYS B 281 -7.87 -6.37 -16.39
N ALA B 282 -8.56 -7.26 -15.69
CA ALA B 282 -9.61 -6.85 -14.77
C ALA B 282 -9.03 -6.03 -13.62
N ARG B 283 -7.90 -6.49 -13.08
CA ARG B 283 -7.28 -5.77 -11.97
C ARG B 283 -6.81 -4.39 -12.43
N PHE B 284 -6.24 -4.32 -13.63
CA PHE B 284 -5.75 -3.04 -14.15
C PHE B 284 -6.95 -2.12 -14.36
N ALA B 285 -8.05 -2.68 -14.87
CA ALA B 285 -9.26 -1.90 -15.10
C ALA B 285 -9.80 -1.37 -13.77
N ASN B 286 -9.84 -2.23 -12.76
CA ASN B 286 -10.33 -1.79 -11.44
C ASN B 286 -9.43 -0.69 -10.87
N ALA B 287 -8.12 -0.85 -11.02
CA ALA B 287 -7.16 0.13 -10.51
C ALA B 287 -7.25 1.46 -11.23
N THR B 288 -7.48 1.41 -12.54
CA THR B 288 -7.60 2.64 -13.32
C THR B 288 -8.84 3.40 -12.87
N ALA B 289 -9.90 2.66 -12.54
CA ALA B 289 -11.13 3.29 -12.08
C ALA B 289 -10.93 3.87 -10.68
N ALA B 290 -10.17 3.17 -9.85
CA ALA B 290 -9.89 3.64 -8.49
C ALA B 290 -9.05 4.90 -8.48
N ILE B 291 -8.04 4.95 -9.35
CA ILE B 291 -7.15 6.09 -9.44
C ILE B 291 -7.86 7.28 -10.08
N SER B 292 -8.85 6.97 -10.92
CA SER B 292 -9.59 8.00 -11.63
C SER B 292 -8.61 8.75 -12.53
N VAL B 293 -8.03 8.02 -13.48
CA VAL B 293 -7.07 8.59 -14.42
C VAL B 293 -7.66 9.73 -15.25
N LEU B 294 -8.95 9.64 -15.56
CA LEU B 294 -9.61 10.68 -16.33
C LEU B 294 -9.64 12.00 -15.54
N SER B 295 -9.87 11.89 -14.24
CA SER B 295 -9.95 13.07 -13.39
C SER B 295 -8.58 13.68 -13.07
N VAL B 296 -7.71 12.89 -12.45
CA VAL B 296 -6.37 13.35 -12.04
C VAL B 296 -5.28 13.38 -13.13
N GLY B 297 -5.50 12.65 -14.22
CA GLY B 297 -4.50 12.60 -15.27
C GLY B 297 -4.05 13.91 -15.89
N ALA B 298 -4.80 14.99 -15.65
CA ALA B 298 -4.44 16.28 -16.22
C ALA B 298 -3.39 17.06 -15.44
N THR B 299 -3.50 17.05 -14.11
CA THR B 299 -2.56 17.79 -13.28
C THR B 299 -1.44 17.00 -12.62
N THR B 300 -1.35 15.71 -12.91
CA THR B 300 -0.28 14.91 -12.30
C THR B 300 1.06 15.28 -12.93
N GLY B 301 2.14 14.96 -12.23
CA GLY B 301 3.45 15.28 -12.74
C GLY B 301 4.22 14.06 -13.20
N VAL B 302 3.73 12.89 -12.81
CA VAL B 302 4.37 11.64 -13.15
C VAL B 302 3.60 10.88 -14.24
N LYS B 303 4.28 9.92 -14.86
CA LYS B 303 3.70 9.08 -15.89
C LYS B 303 2.40 8.49 -15.34
N ASN B 304 1.27 8.89 -15.92
CA ASN B 304 -0.04 8.44 -15.46
C ASN B 304 -0.19 6.97 -15.08
N ARG B 305 0.34 6.06 -15.88
CA ARG B 305 0.19 4.65 -15.56
C ARG B 305 0.99 4.23 -14.33
N LYS B 306 1.96 5.04 -13.94
CA LYS B 306 2.76 4.72 -12.75
C LYS B 306 1.83 4.71 -11.55
N LEU B 307 0.85 5.60 -11.58
CA LEU B 307 -0.11 5.70 -10.48
C LEU B 307 -0.92 4.42 -10.40
N VAL B 308 -1.31 3.89 -11.55
CA VAL B 308 -2.09 2.67 -11.60
C VAL B 308 -1.25 1.48 -11.15
N GLU B 309 -0.06 1.34 -11.73
CA GLU B 309 0.84 0.24 -11.38
C GLU B 309 1.18 0.27 -9.89
N GLN B 310 1.39 1.46 -9.36
CA GLN B 310 1.70 1.61 -7.93
C GLN B 310 0.56 1.06 -7.09
N LEU B 311 -0.68 1.33 -7.50
CA LEU B 311 -1.84 0.87 -6.77
C LEU B 311 -1.91 -0.65 -6.74
N LEU B 312 -1.52 -1.29 -7.83
CA LEU B 312 -1.53 -2.75 -7.92
C LEU B 312 -0.37 -3.36 -7.13
#